data_6OMK
#
_entry.id   6OMK
#
_cell.length_a   49.250
_cell.length_b   89.170
_cell.length_c   90.360
_cell.angle_alpha   90.000
_cell.angle_beta   90.000
_cell.angle_gamma   90.000
#
_symmetry.space_group_name_H-M   'P 21 21 21'
#
loop_
_entity.id
_entity.type
_entity.pdbx_description
1 polymer 'Glycylpeptide N-tetradecanoyltransferase'
2 non-polymer TETRADECANOYL-COA
3 non-polymer 'ZINC ION'
4 non-polymer 1,2-ETHANEDIOL
5 water water
#
_entity_poly.entity_id   1
_entity_poly.type   'polypeptide(L)'
_entity_poly.pdbx_seq_one_letter_code
;MAHHHHHHSNSDAAHAFWSTQPVPQTEDETEKIVFAGPMDEPKTVADIPEEPYPIASTFEWWTPNMEAADDIHAIYELLR
DNYVEDDDSMFRFNYSEEFLQWALCPPNYIPDWHVAVRRKADKKLLAFIAGVPVTLRMGTPKYMKVKAQEKGEGEEAAKY
DEPRHICEINFLCVHKQLREKRLAPILIKEATRRVNRTNVWQAVYTAGVLLPTPYASGQYFHRSLNPEKLVEIRFSGIPA
QYQKFQNPMAMLKRNYQLPSAPKNSGLREMKPSDVPQVRRILMNYLDSFDVGPVFSDAEISHYLLPRDGVVFTYVVENVK
KVTDFFSFYRIPSTVIGNSNYNLLNAAYVHYYAATSIPLHQLILDLLIVAHSRGFDVCNMVEILDNRSFVEQLKFGPGDG
HLRYYFYNWAYPKIKPSQVALVML
;
_entity_poly.pdbx_strand_id   A
#
loop_
_chem_comp.id
_chem_comp.type
_chem_comp.name
_chem_comp.formula
EDO non-polymer 1,2-ETHANEDIOL 'C2 H6 O2'
MYA non-polymer TETRADECANOYL-COA 'C35 H62 N7 O17 P3 S'
ZN non-polymer 'ZINC ION' 'Zn 2'
#
# COMPACT_ATOMS: atom_id res chain seq x y z
N ALA A 2 17.00 -7.87 -16.30
CA ALA A 2 16.79 -9.20 -16.85
C ALA A 2 15.34 -9.64 -16.62
N HIS A 3 14.49 -8.67 -16.32
CA HIS A 3 13.08 -8.92 -16.02
C HIS A 3 12.34 -9.40 -17.26
N HIS A 4 11.21 -10.06 -17.01
CA HIS A 4 10.26 -10.48 -18.03
C HIS A 4 9.14 -9.44 -18.03
N HIS A 5 9.14 -8.57 -19.02
CA HIS A 5 8.15 -7.50 -19.10
C HIS A 5 6.94 -7.99 -19.88
N HIS A 6 5.77 -7.85 -19.28
CA HIS A 6 4.54 -8.37 -19.86
C HIS A 6 3.44 -7.50 -19.28
N HIS A 7 2.79 -6.71 -20.13
CA HIS A 7 1.77 -5.79 -19.69
C HIS A 7 0.38 -6.39 -19.83
N ALA A 14 -15.18 6.01 -20.64
CA ALA A 14 -16.41 6.56 -20.11
C ALA A 14 -16.66 5.99 -18.72
N HIS A 15 -17.04 6.87 -17.78
CA HIS A 15 -17.17 6.51 -16.38
C HIS A 15 -18.59 6.86 -15.92
N ALA A 16 -19.49 5.88 -15.93
CA ALA A 16 -20.88 6.12 -15.52
C ALA A 16 -20.97 6.43 -14.03
N PHE A 17 -20.15 5.78 -13.20
CA PHE A 17 -20.19 6.02 -11.76
C PHE A 17 -19.23 7.12 -11.34
N TRP A 18 -17.96 7.03 -11.77
CA TRP A 18 -16.96 7.97 -11.25
C TRP A 18 -17.22 9.40 -11.72
N SER A 19 -17.95 9.59 -12.82
CA SER A 19 -18.23 10.96 -13.23
C SER A 19 -19.28 11.63 -12.34
N THR A 20 -19.91 10.89 -11.42
CA THR A 20 -20.85 11.46 -10.46
C THR A 20 -20.23 11.69 -9.08
N GLN A 21 -18.94 11.37 -8.90
CA GLN A 21 -18.35 11.37 -7.58
C GLN A 21 -17.52 12.63 -7.35
N PRO A 22 -17.34 13.03 -6.08
CA PRO A 22 -16.56 14.27 -5.79
C PRO A 22 -15.06 14.05 -5.88
N VAL A 23 -14.58 13.83 -7.10
CA VAL A 23 -13.15 13.70 -7.37
C VAL A 23 -12.87 14.54 -8.59
N PRO A 24 -11.65 15.08 -8.76
CA PRO A 24 -11.35 15.78 -10.02
C PRO A 24 -11.50 14.81 -11.19
N GLN A 25 -12.04 15.32 -12.29
CA GLN A 25 -12.52 14.46 -13.36
C GLN A 25 -11.53 14.28 -14.51
N THR A 26 -10.51 15.13 -14.64
CA THR A 26 -9.54 14.99 -15.72
C THR A 26 -8.14 15.26 -15.19
N GLU A 27 -7.16 14.71 -15.91
CA GLU A 27 -5.77 15.05 -15.63
C GLU A 27 -5.55 16.54 -15.74
N ASP A 28 -6.21 17.18 -16.71
CA ASP A 28 -6.13 18.63 -16.89
C ASP A 28 -6.62 19.38 -15.65
N GLU A 29 -7.73 18.93 -15.06
CA GLU A 29 -8.22 19.57 -13.84
C GLU A 29 -7.18 19.47 -12.73
N THR A 30 -6.70 18.26 -12.47
CA THR A 30 -5.75 18.02 -11.38
C THR A 30 -4.48 18.84 -11.54
N GLU A 31 -3.97 18.96 -12.78
CA GLU A 31 -2.77 19.76 -12.97
C GLU A 31 -2.99 21.24 -12.74
N LYS A 32 -4.23 21.70 -12.61
CA LYS A 32 -4.51 23.11 -12.40
C LYS A 32 -4.91 23.42 -10.95
N ILE A 33 -5.02 22.40 -10.10
CA ILE A 33 -5.38 22.61 -8.70
C ILE A 33 -4.18 23.23 -7.98
N VAL A 34 -4.44 24.25 -7.17
CA VAL A 34 -3.34 24.95 -6.50
C VAL A 34 -3.46 24.83 -4.98
N PHE A 35 -4.68 24.66 -4.46
CA PHE A 35 -4.90 24.55 -3.03
C PHE A 35 -5.55 23.23 -2.68
N ALA A 36 -5.17 22.65 -1.55
CA ALA A 36 -5.88 21.48 -1.04
C ALA A 36 -7.18 21.91 -0.37
N GLY A 37 -8.19 21.05 -0.50
CA GLY A 37 -9.50 21.33 0.06
C GLY A 37 -10.54 20.37 -0.45
N PRO A 38 -11.71 20.36 0.19
CA PRO A 38 -12.76 19.40 -0.19
C PRO A 38 -13.41 19.76 -1.52
N MET A 39 -13.95 18.73 -2.18
CA MET A 39 -14.66 18.94 -3.44
C MET A 39 -16.15 19.20 -3.22
N ASP A 40 -16.78 18.39 -2.37
CA ASP A 40 -18.22 18.45 -2.14
C ASP A 40 -18.57 19.65 -1.29
N GLU A 41 -19.84 20.05 -1.37
CA GLU A 41 -20.34 21.10 -0.50
C GLU A 41 -20.47 20.55 0.92
N PRO A 42 -20.36 21.41 1.94
CA PRO A 42 -20.37 20.91 3.31
C PRO A 42 -21.65 20.14 3.63
N LYS A 43 -21.48 19.02 4.31
CA LYS A 43 -22.60 18.24 4.81
C LYS A 43 -22.37 17.94 6.29
N THR A 44 -23.44 17.59 6.97
CA THR A 44 -23.35 17.02 8.31
C THR A 44 -23.82 15.58 8.26
N VAL A 45 -23.55 14.87 9.36
CA VAL A 45 -23.96 13.47 9.48
C VAL A 45 -25.45 13.30 9.22
N ALA A 46 -26.27 14.19 9.77
CA ALA A 46 -27.71 14.05 9.66
C ALA A 46 -28.20 14.16 8.22
N ASP A 47 -27.39 14.72 7.32
CA ASP A 47 -27.74 14.77 5.91
C ASP A 47 -27.46 13.47 5.18
N ILE A 48 -26.91 12.45 5.83
CA ILE A 48 -26.51 11.19 5.16
C ILE A 48 -27.59 10.14 5.44
N PRO A 49 -28.03 9.38 4.42
CA PRO A 49 -29.12 8.41 4.64
C PRO A 49 -28.79 7.45 5.78
N GLU A 50 -29.79 7.23 6.64
CA GLU A 50 -29.65 6.29 7.76
C GLU A 50 -29.64 4.84 7.30
N GLU A 51 -30.43 4.51 6.26
CA GLU A 51 -30.60 3.11 5.85
C GLU A 51 -29.50 2.71 4.87
N PRO A 52 -29.01 1.47 4.95
CA PRO A 52 -27.97 1.02 4.01
C PRO A 52 -28.51 1.11 2.59
N TYR A 53 -27.59 1.25 1.65
CA TYR A 53 -28.02 1.36 0.26
C TYR A 53 -28.78 0.09 -0.13
N PRO A 54 -29.90 0.22 -0.84
CA PRO A 54 -30.69 -0.97 -1.18
C PRO A 54 -29.93 -1.93 -2.09
N ILE A 55 -30.02 -3.23 -1.78
CA ILE A 55 -29.53 -4.27 -2.68
C ILE A 55 -30.61 -5.32 -2.82
N ALA A 56 -30.42 -6.22 -3.80
CA ALA A 56 -31.44 -7.22 -4.10
C ALA A 56 -31.82 -7.99 -2.84
N SER A 57 -33.07 -8.47 -2.82
CA SER A 57 -33.61 -9.09 -1.61
C SER A 57 -32.95 -10.42 -1.29
N THR A 58 -32.27 -11.04 -2.26
CA THR A 58 -31.55 -12.25 -1.97
C THR A 58 -30.28 -11.99 -1.16
N PHE A 59 -29.84 -10.73 -1.08
CA PHE A 59 -28.60 -10.31 -0.45
C PHE A 59 -28.87 -9.54 0.83
N GLU A 60 -27.88 -9.52 1.73
CA GLU A 60 -27.91 -8.68 2.91
C GLU A 60 -26.52 -8.09 3.09
N TRP A 61 -26.48 -6.89 3.66
CA TRP A 61 -25.24 -6.33 4.19
C TRP A 61 -24.86 -7.05 5.47
N TRP A 62 -23.55 -7.19 5.69
CA TRP A 62 -23.02 -7.91 6.83
C TRP A 62 -21.75 -7.23 7.29
N THR A 63 -21.62 -6.98 8.59
CA THR A 63 -20.39 -6.46 9.15
C THR A 63 -19.63 -7.59 9.81
N PRO A 64 -18.52 -8.06 9.25
CA PRO A 64 -17.77 -9.16 9.88
C PRO A 64 -17.17 -8.77 11.22
N ASN A 65 -17.09 -9.75 12.13
CA ASN A 65 -16.34 -9.63 13.37
C ASN A 65 -14.98 -10.30 13.15
N MET A 66 -13.93 -9.47 13.01
CA MET A 66 -12.60 -9.97 12.67
C MET A 66 -11.95 -10.78 13.79
N GLU A 67 -12.45 -10.67 15.02
CA GLU A 67 -11.96 -11.52 16.09
C GLU A 67 -12.51 -12.94 16.01
N ALA A 68 -13.51 -13.19 15.16
CA ALA A 68 -14.17 -14.48 15.10
C ALA A 68 -13.57 -15.30 13.96
N ALA A 69 -13.24 -16.57 14.24
CA ALA A 69 -12.55 -17.39 13.26
C ALA A 69 -13.36 -17.50 11.96
N ASP A 70 -14.67 -17.78 12.07
CA ASP A 70 -15.47 -18.00 10.88
C ASP A 70 -15.55 -16.75 10.01
N ASP A 71 -15.65 -15.58 10.64
CA ASP A 71 -15.78 -14.34 9.89
C ASP A 71 -14.50 -14.03 9.13
N ILE A 72 -13.34 -14.09 9.80
CA ILE A 72 -12.11 -13.78 9.09
C ILE A 72 -11.81 -14.84 8.05
N HIS A 73 -12.17 -16.09 8.33
CA HIS A 73 -11.99 -17.15 7.34
C HIS A 73 -12.87 -16.92 6.12
N ALA A 74 -14.11 -16.46 6.33
CA ALA A 74 -14.99 -16.13 5.21
C ALA A 74 -14.37 -15.06 4.33
N ILE A 75 -13.86 -13.97 4.94
CA ILE A 75 -13.20 -12.92 4.16
C ILE A 75 -11.96 -13.47 3.46
N TYR A 76 -11.17 -14.28 4.18
CA TYR A 76 -10.00 -14.93 3.57
C TYR A 76 -10.36 -15.70 2.30
N GLU A 77 -11.44 -16.48 2.35
CA GLU A 77 -11.83 -17.32 1.21
C GLU A 77 -12.32 -16.50 0.03
N LEU A 78 -13.16 -15.50 0.28
CA LEU A 78 -13.58 -14.59 -0.79
C LEU A 78 -12.39 -13.98 -1.52
N LEU A 79 -11.45 -13.41 -0.77
CA LEU A 79 -10.31 -12.78 -1.42
C LEU A 79 -9.41 -13.81 -2.09
N ARG A 80 -9.22 -14.97 -1.45
CA ARG A 80 -8.39 -16.02 -2.05
C ARG A 80 -8.91 -16.40 -3.43
N ASP A 81 -10.22 -16.53 -3.57
CA ASP A 81 -10.80 -17.04 -4.81
C ASP A 81 -11.21 -15.94 -5.78
N ASN A 82 -11.25 -14.68 -5.36
CA ASN A 82 -11.82 -13.65 -6.21
C ASN A 82 -11.04 -12.34 -6.25
N TYR A 83 -10.04 -12.12 -5.41
CA TYR A 83 -9.31 -10.86 -5.39
C TYR A 83 -8.13 -10.95 -6.37
N VAL A 84 -8.46 -10.98 -7.66
CA VAL A 84 -7.51 -11.29 -8.72
C VAL A 84 -7.53 -10.17 -9.76
N GLU A 85 -6.45 -9.38 -9.81
CA GLU A 85 -6.39 -8.29 -10.78
C GLU A 85 -6.28 -8.81 -12.19
N ASP A 86 -5.62 -9.96 -12.41
CA ASP A 86 -5.38 -10.44 -13.77
C ASP A 86 -5.44 -11.95 -13.79
N ASP A 87 -6.53 -12.50 -14.34
CA ASP A 87 -6.71 -13.95 -14.46
C ASP A 87 -5.64 -14.61 -15.33
N ASP A 88 -5.00 -13.87 -16.23
CA ASP A 88 -4.02 -14.49 -17.10
C ASP A 88 -2.59 -14.41 -16.58
N SER A 89 -2.38 -13.80 -15.40
CA SER A 89 -1.08 -13.82 -14.76
C SER A 89 -0.69 -15.23 -14.32
N MET A 90 0.61 -15.51 -14.41
CA MET A 90 1.21 -16.74 -13.90
C MET A 90 1.33 -16.76 -12.38
N PHE A 91 0.98 -15.66 -11.69
CA PHE A 91 1.08 -15.52 -10.24
C PHE A 91 -0.27 -15.12 -9.65
N ARG A 92 -0.44 -15.45 -8.37
CA ARG A 92 -1.59 -15.00 -7.60
C ARG A 92 -1.11 -14.54 -6.23
N PHE A 93 -1.43 -13.29 -5.87
CA PHE A 93 -1.18 -12.79 -4.51
C PHE A 93 -1.95 -13.63 -3.49
N ASN A 94 -1.39 -13.74 -2.30
CA ASN A 94 -2.01 -14.49 -1.20
C ASN A 94 -2.11 -13.58 0.03
N TYR A 95 -3.31 -13.44 0.57
CA TYR A 95 -3.55 -12.61 1.75
C TYR A 95 -4.03 -13.54 2.85
N SER A 96 -3.09 -13.94 3.71
CA SER A 96 -3.41 -14.78 4.86
C SER A 96 -4.28 -14.01 5.84
N GLU A 97 -4.92 -14.77 6.74
CA GLU A 97 -5.74 -14.15 7.77
C GLU A 97 -4.91 -13.23 8.67
N GLU A 98 -3.68 -13.64 8.98
CA GLU A 98 -2.79 -12.79 9.78
C GLU A 98 -2.46 -11.50 9.04
N PHE A 99 -2.14 -11.61 7.75
CA PHE A 99 -1.96 -10.40 6.94
C PHE A 99 -3.22 -9.53 6.99
N LEU A 100 -4.39 -10.14 6.78
CA LEU A 100 -5.63 -9.36 6.71
C LEU A 100 -5.95 -8.69 8.05
N GLN A 101 -5.70 -9.38 9.16
CA GLN A 101 -5.90 -8.75 10.47
C GLN A 101 -4.95 -7.57 10.67
N TRP A 102 -3.70 -7.72 10.22
CA TRP A 102 -2.74 -6.63 10.33
C TRP A 102 -3.16 -5.44 9.48
N ALA A 103 -3.61 -5.69 8.25
CA ALA A 103 -3.98 -4.59 7.37
C ALA A 103 -5.31 -3.96 7.76
N LEU A 104 -6.22 -4.72 8.34
CA LEU A 104 -7.59 -4.25 8.48
C LEU A 104 -7.95 -3.89 9.91
N CYS A 105 -7.15 -4.30 10.89
CA CYS A 105 -7.49 -4.10 12.30
C CYS A 105 -6.42 -3.33 13.06
N PRO A 106 -6.05 -2.13 12.60
CA PRO A 106 -5.12 -1.31 13.39
C PRO A 106 -5.83 -0.74 14.61
N PRO A 107 -5.09 -0.17 15.56
CA PRO A 107 -5.73 0.35 16.78
C PRO A 107 -6.77 1.40 16.44
N ASN A 108 -7.90 1.32 17.13
CA ASN A 108 -9.07 2.16 16.91
C ASN A 108 -9.72 1.93 15.56
N TYR A 109 -9.54 0.75 14.95
CA TYR A 109 -10.24 0.52 13.70
C TYR A 109 -11.75 0.47 13.94
N ILE A 110 -12.52 0.74 12.90
CA ILE A 110 -13.96 0.83 13.05
C ILE A 110 -14.58 -0.38 12.36
N PRO A 111 -15.11 -1.34 13.13
CA PRO A 111 -15.74 -2.53 12.53
C PRO A 111 -16.71 -2.19 11.41
N ASP A 112 -17.56 -1.17 11.63
CA ASP A 112 -18.57 -0.80 10.64
C ASP A 112 -17.98 -0.49 9.27
N TRP A 113 -16.71 -0.11 9.22
CA TRP A 113 -16.08 0.22 7.95
C TRP A 113 -15.62 -1.02 7.18
N HIS A 114 -15.83 -2.23 7.72
CA HIS A 114 -15.59 -3.46 6.97
C HIS A 114 -16.94 -3.87 6.43
N VAL A 115 -17.16 -3.63 5.14
CA VAL A 115 -18.47 -3.71 4.53
C VAL A 115 -18.52 -4.96 3.63
N ALA A 116 -19.44 -5.86 3.92
CA ALA A 116 -19.59 -7.07 3.13
C ALA A 116 -21.03 -7.21 2.67
N VAL A 117 -21.20 -7.95 1.57
CA VAL A 117 -22.51 -8.41 1.09
C VAL A 117 -22.50 -9.93 1.13
N ARG A 118 -23.57 -10.51 1.65
CA ARG A 118 -23.65 -11.96 1.65
C ARG A 118 -25.05 -12.40 1.22
N ARG A 119 -25.11 -13.62 0.73
CA ARG A 119 -26.38 -14.20 0.32
C ARG A 119 -27.16 -14.61 1.56
N LYS A 120 -28.44 -14.24 1.60
CA LYS A 120 -29.26 -14.52 2.79
C LYS A 120 -29.36 -16.01 3.07
N ALA A 121 -29.78 -16.80 2.07
CA ALA A 121 -30.13 -18.19 2.30
C ALA A 121 -28.99 -18.97 2.94
N ASP A 122 -27.80 -18.93 2.35
CA ASP A 122 -26.69 -19.75 2.79
C ASP A 122 -25.57 -18.95 3.44
N LYS A 123 -25.72 -17.64 3.55
CA LYS A 123 -24.72 -16.76 4.16
C LYS A 123 -23.38 -16.77 3.42
N LYS A 124 -23.39 -17.11 2.15
CA LYS A 124 -22.15 -17.07 1.38
C LYS A 124 -21.74 -15.63 1.13
N LEU A 125 -20.49 -15.31 1.42
CA LEU A 125 -19.98 -13.97 1.23
C LEU A 125 -19.69 -13.73 -0.25
N LEU A 126 -20.24 -12.65 -0.80
CA LEU A 126 -20.15 -12.35 -2.23
C LEU A 126 -19.43 -11.04 -2.58
N ALA A 127 -19.22 -10.14 -1.63
CA ALA A 127 -18.54 -8.90 -1.98
C ALA A 127 -18.00 -8.28 -0.71
N PHE A 128 -17.03 -7.37 -0.87
CA PHE A 128 -16.34 -6.82 0.29
C PHE A 128 -15.70 -5.50 -0.10
N ILE A 129 -15.70 -4.58 0.85
CA ILE A 129 -14.84 -3.41 0.74
C ILE A 129 -14.50 -2.95 2.14
N ALA A 130 -13.27 -2.47 2.35
CA ALA A 130 -12.80 -2.23 3.71
C ALA A 130 -12.15 -0.87 3.86
N GLY A 131 -12.52 -0.17 4.91
CA GLY A 131 -11.89 1.09 5.27
C GLY A 131 -11.22 0.97 6.61
N VAL A 132 -10.10 1.68 6.76
CA VAL A 132 -9.43 1.75 8.05
C VAL A 132 -9.13 3.22 8.35
N PRO A 133 -9.21 3.64 9.60
CA PRO A 133 -8.83 5.02 9.93
C PRO A 133 -7.36 5.24 9.67
N VAL A 134 -7.04 6.44 9.23
CA VAL A 134 -5.65 6.88 9.14
C VAL A 134 -5.64 8.37 9.37
N THR A 135 -4.61 8.86 10.06
CA THR A 135 -4.42 10.29 10.24
C THR A 135 -3.38 10.76 9.24
N LEU A 136 -3.76 11.72 8.40
CA LEU A 136 -2.95 12.06 7.24
C LEU A 136 -2.73 13.56 7.18
N ARG A 137 -1.49 13.97 6.97
CA ARG A 137 -1.21 15.32 6.50
C ARG A 137 -1.49 15.39 5.01
N MET A 138 -2.41 16.28 4.61
CA MET A 138 -2.79 16.36 3.21
C MET A 138 -3.12 17.79 2.81
N GLY A 139 -2.47 18.76 3.45
CA GLY A 139 -2.64 20.15 3.08
C GLY A 139 -1.87 20.47 1.80
N THR A 140 -1.91 21.74 1.45
CA THR A 140 -1.35 22.18 0.18
C THR A 140 0.14 21.87 0.11
N PRO A 141 0.63 21.28 -0.98
CA PRO A 141 2.08 20.98 -1.10
C PRO A 141 2.94 22.19 -0.80
N LYS A 142 4.11 21.94 -0.20
CA LYS A 142 4.93 23.01 0.34
C LYS A 142 5.28 24.05 -0.72
N TYR A 143 5.57 23.59 -1.94
CA TYR A 143 5.92 24.53 -3.01
C TYR A 143 4.74 25.41 -3.38
N MET A 144 3.55 24.82 -3.50
CA MET A 144 2.34 25.59 -3.77
C MET A 144 2.09 26.61 -2.67
N LYS A 145 2.20 26.20 -1.40
CA LYS A 145 2.03 27.12 -0.30
C LYS A 145 3.00 28.28 -0.40
N VAL A 146 4.26 27.96 -0.71
CA VAL A 146 5.25 28.99 -0.91
C VAL A 146 4.80 29.96 -2.00
N LYS A 147 4.53 29.43 -3.20
CA LYS A 147 4.06 30.28 -4.28
C LYS A 147 2.80 31.04 -3.89
N ALA A 148 1.89 30.40 -3.15
CA ALA A 148 0.67 31.09 -2.74
C ALA A 148 0.98 32.25 -1.81
N GLN A 149 1.95 32.06 -0.90
CA GLN A 149 2.32 33.13 0.01
C GLN A 149 2.86 34.34 -0.74
N GLU A 150 3.65 34.11 -1.80
CA GLU A 150 4.18 35.23 -2.57
C GLU A 150 3.07 36.03 -3.24
N LYS A 151 1.94 35.39 -3.53
CA LYS A 151 0.78 36.10 -4.05
C LYS A 151 -0.14 36.63 -2.96
N GLY A 152 0.24 36.48 -1.69
CA GLY A 152 -0.60 36.92 -0.59
C GLY A 152 -1.72 35.99 -0.19
N GLU A 153 -1.73 34.74 -0.67
CA GLU A 153 -2.81 33.80 -0.34
C GLU A 153 -2.33 32.69 0.60
N GLY A 154 -1.43 33.03 1.51
CA GLY A 154 -0.83 32.02 2.36
C GLY A 154 -1.80 31.35 3.30
N GLU A 155 -2.74 32.12 3.88
CA GLU A 155 -3.62 31.53 4.85
C GLU A 155 -4.68 30.63 4.22
N GLU A 156 -5.01 30.85 2.95
CA GLU A 156 -5.86 29.90 2.26
C GLU A 156 -5.07 28.63 1.90
N ALA A 157 -3.82 28.81 1.49
CA ALA A 157 -2.95 27.68 1.22
C ALA A 157 -2.70 26.83 2.45
N ALA A 158 -2.68 27.42 3.64
CA ALA A 158 -2.37 26.70 4.86
C ALA A 158 -3.61 26.21 5.59
N LYS A 159 -4.81 26.48 5.07
CA LYS A 159 -6.04 26.25 5.83
C LYS A 159 -6.18 24.80 6.27
N TYR A 160 -5.76 23.86 5.41
CA TYR A 160 -5.93 22.44 5.71
C TYR A 160 -4.60 21.75 6.03
N ASP A 161 -3.75 22.42 6.81
CA ASP A 161 -2.47 21.85 7.20
C ASP A 161 -2.56 20.88 8.38
N GLU A 162 -3.59 21.00 9.22
CA GLU A 162 -3.71 20.09 10.35
C GLU A 162 -3.92 18.66 9.83
N PRO A 163 -3.23 17.67 10.39
CA PRO A 163 -3.49 16.28 10.00
C PRO A 163 -4.97 15.94 10.17
N ARG A 164 -5.52 15.21 9.18
CA ARG A 164 -6.94 14.91 9.12
C ARG A 164 -7.17 13.43 9.39
N HIS A 165 -8.20 13.14 10.19
CA HIS A 165 -8.58 11.76 10.51
C HIS A 165 -9.50 11.28 9.40
N ILE A 166 -8.97 10.44 8.51
CA ILE A 166 -9.69 10.06 7.30
C ILE A 166 -9.77 8.54 7.19
N CYS A 167 -10.20 8.08 6.02
CA CYS A 167 -10.42 6.68 5.73
C CYS A 167 -9.47 6.22 4.63
N GLU A 168 -8.84 5.07 4.82
CA GLU A 168 -8.09 4.36 3.78
C GLU A 168 -8.95 3.20 3.31
N ILE A 169 -9.25 3.14 2.00
CA ILE A 169 -10.08 2.09 1.44
C ILE A 169 -9.18 1.13 0.68
N ASN A 170 -9.38 -0.17 0.91
CA ASN A 170 -8.72 -1.21 0.13
C ASN A 170 -9.56 -2.49 0.18
N PHE A 171 -9.08 -3.49 -0.57
CA PHE A 171 -9.71 -4.81 -0.63
C PHE A 171 -11.13 -4.75 -1.17
N LEU A 172 -11.40 -3.81 -2.07
CA LEU A 172 -12.62 -3.88 -2.87
C LEU A 172 -12.62 -5.14 -3.72
N CYS A 173 -13.67 -5.94 -3.58
CA CYS A 173 -13.73 -7.28 -4.19
C CYS A 173 -15.17 -7.66 -4.45
N VAL A 174 -15.48 -8.04 -5.69
CA VAL A 174 -16.77 -8.62 -6.04
C VAL A 174 -16.54 -10.07 -6.45
N HIS A 175 -17.38 -10.97 -5.95
CA HIS A 175 -17.27 -12.37 -6.34
C HIS A 175 -17.35 -12.48 -7.85
N LYS A 176 -16.60 -13.43 -8.41
CA LYS A 176 -16.52 -13.53 -9.86
C LYS A 176 -17.88 -13.79 -10.48
N GLN A 177 -18.76 -14.53 -9.77
CA GLN A 177 -20.10 -14.79 -10.28
C GLN A 177 -20.93 -13.51 -10.43
N LEU A 178 -20.57 -12.45 -9.69
CA LEU A 178 -21.33 -11.22 -9.67
C LEU A 178 -20.64 -10.08 -10.45
N ARG A 179 -19.61 -10.41 -11.24
CA ARG A 179 -18.79 -9.36 -11.85
C ARG A 179 -19.55 -8.58 -12.93
N GLU A 180 -19.18 -7.30 -13.06
CA GLU A 180 -19.70 -6.46 -14.14
C GLU A 180 -21.22 -6.32 -14.04
N LYS A 181 -21.72 -6.23 -12.82
CA LYS A 181 -23.13 -5.96 -12.60
C LYS A 181 -23.34 -4.68 -11.81
N ARG A 182 -22.36 -3.77 -11.84
CA ARG A 182 -22.38 -2.49 -11.14
C ARG A 182 -22.49 -2.66 -9.63
N LEU A 183 -22.08 -3.80 -9.10
CA LEU A 183 -22.11 -3.95 -7.65
C LEU A 183 -21.02 -3.13 -6.99
N ALA A 184 -19.88 -2.95 -7.66
CA ALA A 184 -18.77 -2.20 -7.09
C ALA A 184 -19.14 -0.77 -6.76
N PRO A 185 -19.77 0.02 -7.66
CA PRO A 185 -20.25 1.33 -7.24
C PRO A 185 -21.14 1.28 -6.00
N ILE A 186 -21.96 0.23 -5.86
CA ILE A 186 -22.83 0.14 -4.70
C ILE A 186 -21.99 -0.06 -3.43
N LEU A 187 -20.97 -0.91 -3.51
CA LEU A 187 -20.05 -1.08 -2.40
C LEU A 187 -19.38 0.25 -2.04
N ILE A 188 -18.95 1.00 -3.04
CA ILE A 188 -18.29 2.27 -2.78
C ILE A 188 -19.29 3.27 -2.16
N LYS A 189 -20.53 3.26 -2.64
CA LYS A 189 -21.52 4.17 -2.05
C LYS A 189 -21.81 3.82 -0.60
N GLU A 190 -21.97 2.53 -0.31
CA GLU A 190 -22.28 2.12 1.06
C GLU A 190 -21.13 2.42 2.00
N ALA A 191 -19.89 2.18 1.56
CA ALA A 191 -18.75 2.57 2.38
C ALA A 191 -18.72 4.09 2.58
N THR A 192 -18.92 4.86 1.50
CA THR A 192 -19.00 6.30 1.62
C THR A 192 -20.05 6.69 2.65
N ARG A 193 -21.24 6.08 2.56
CA ARG A 193 -22.32 6.38 3.50
C ARG A 193 -21.88 6.10 4.93
N ARG A 194 -21.35 4.91 5.19
CA ARG A 194 -20.96 4.56 6.55
C ARG A 194 -19.85 5.45 7.06
N VAL A 195 -18.88 5.76 6.20
CA VAL A 195 -17.76 6.59 6.64
C VAL A 195 -18.26 8.01 6.91
N ASN A 196 -19.12 8.55 6.03
CA ASN A 196 -19.72 9.85 6.26
C ASN A 196 -20.48 9.89 7.58
N ARG A 197 -21.17 8.78 7.92
CA ARG A 197 -21.94 8.75 9.16
C ARG A 197 -21.04 8.73 10.38
N THR A 198 -19.75 8.48 10.20
CA THR A 198 -18.76 8.62 11.26
C THR A 198 -18.14 10.01 11.28
N ASN A 199 -18.71 10.94 10.50
CA ASN A 199 -18.19 12.29 10.42
C ASN A 199 -16.80 12.33 9.76
N VAL A 200 -16.59 11.45 8.79
CA VAL A 200 -15.38 11.46 7.99
C VAL A 200 -15.79 11.66 6.54
N TRP A 201 -15.05 12.52 5.84
CA TRP A 201 -15.48 13.02 4.54
C TRP A 201 -14.44 12.93 3.44
N GLN A 202 -13.20 12.54 3.75
CA GLN A 202 -12.19 12.22 2.76
C GLN A 202 -11.76 10.76 2.92
N ALA A 203 -11.35 10.17 1.81
CA ALA A 203 -10.66 8.89 1.81
C ALA A 203 -9.41 8.99 0.94
N VAL A 204 -8.45 8.11 1.19
CA VAL A 204 -7.29 7.91 0.34
C VAL A 204 -7.29 6.44 -0.13
N TYR A 205 -6.82 6.23 -1.35
CA TYR A 205 -6.81 4.87 -1.88
C TYR A 205 -5.83 4.77 -3.03
N THR A 206 -5.37 3.55 -3.30
CA THR A 206 -4.48 3.26 -4.40
C THR A 206 -5.10 2.22 -5.30
N ALA A 207 -4.69 2.26 -6.58
CA ALA A 207 -5.11 1.26 -7.53
C ALA A 207 -4.06 1.17 -8.61
N GLY A 208 -4.02 0.01 -9.27
CA GLY A 208 -3.28 -0.16 -10.50
C GLY A 208 -3.99 0.44 -11.68
N VAL A 209 -5.32 0.35 -11.71
CA VAL A 209 -6.05 0.91 -12.85
C VAL A 209 -6.06 2.43 -12.77
N LEU A 210 -6.24 3.06 -13.92
CA LEU A 210 -6.27 4.52 -14.01
C LEU A 210 -7.72 4.98 -13.89
N LEU A 211 -7.99 5.77 -12.87
CA LEU A 211 -9.33 6.27 -12.56
C LEU A 211 -9.23 7.78 -12.44
N PRO A 212 -10.37 8.48 -12.45
CA PRO A 212 -10.32 9.92 -12.12
C PRO A 212 -10.15 10.10 -10.61
N THR A 213 -9.08 10.79 -10.21
CA THR A 213 -7.93 11.18 -11.02
C THR A 213 -6.77 11.11 -10.01
N PRO A 214 -5.67 10.43 -10.33
CA PRO A 214 -4.59 10.30 -9.35
C PRO A 214 -3.93 11.65 -9.09
N TYR A 215 -3.53 11.87 -7.83
CA TYR A 215 -2.62 12.99 -7.55
C TYR A 215 -1.15 12.60 -7.67
N ALA A 216 -0.85 11.31 -7.60
CA ALA A 216 0.52 10.83 -7.76
C ALA A 216 0.45 9.45 -8.37
N SER A 217 1.45 9.10 -9.16
CA SER A 217 1.60 7.76 -9.70
C SER A 217 3.07 7.38 -9.63
N GLY A 218 3.35 6.14 -9.26
CA GLY A 218 4.73 5.65 -9.18
C GLY A 218 4.92 4.27 -9.79
N GLN A 219 6.05 4.07 -10.44
CA GLN A 219 6.41 2.79 -11.03
C GLN A 219 6.85 1.81 -9.95
N TYR A 220 6.57 0.52 -10.18
CA TYR A 220 7.09 -0.55 -9.36
C TYR A 220 8.54 -0.89 -9.74
N PHE A 221 9.30 -1.37 -8.75
CA PHE A 221 10.68 -1.78 -8.95
C PHE A 221 10.92 -3.11 -8.24
N HIS A 222 11.83 -3.91 -8.78
CA HIS A 222 12.11 -5.24 -8.25
C HIS A 222 13.60 -5.44 -8.09
N ARG A 223 14.01 -6.14 -7.02
CA ARG A 223 15.41 -6.47 -6.79
C ARG A 223 15.52 -7.99 -6.61
N SER A 224 16.16 -8.64 -7.57
CA SER A 224 16.27 -10.09 -7.57
C SER A 224 17.09 -10.57 -6.38
N LEU A 225 16.52 -11.49 -5.60
CA LEU A 225 17.23 -12.08 -4.47
C LEU A 225 17.58 -13.54 -4.69
N ASN A 226 16.75 -14.26 -5.45
CA ASN A 226 17.00 -15.64 -5.83
C ASN A 226 16.92 -15.66 -7.35
N PRO A 227 17.96 -15.20 -8.04
CA PRO A 227 17.90 -15.09 -9.51
C PRO A 227 17.54 -16.38 -10.22
N GLU A 228 18.14 -17.48 -9.78
CA GLU A 228 17.90 -18.76 -10.45
C GLU A 228 16.42 -19.11 -10.43
N LYS A 229 15.79 -19.00 -9.27
CA LYS A 229 14.36 -19.28 -9.17
C LYS A 229 13.54 -18.30 -10.01
N LEU A 230 13.87 -17.01 -9.96
CA LEU A 230 13.12 -16.02 -10.72
C LEU A 230 13.16 -16.31 -12.22
N VAL A 231 14.30 -16.80 -12.72
CA VAL A 231 14.36 -17.14 -14.14
C VAL A 231 13.56 -18.40 -14.42
N GLU A 232 13.67 -19.40 -13.53
CA GLU A 232 13.02 -20.69 -13.79
C GLU A 232 11.49 -20.57 -13.76
N ILE A 233 10.95 -19.57 -13.04
CA ILE A 233 9.51 -19.35 -13.06
C ILE A 233 9.12 -18.27 -14.07
N ARG A 234 10.08 -17.74 -14.83
CA ARG A 234 9.83 -16.74 -15.87
C ARG A 234 9.38 -15.42 -15.31
N PHE A 235 9.61 -15.17 -14.02
CA PHE A 235 9.56 -13.80 -13.53
C PHE A 235 10.69 -13.00 -14.15
N SER A 236 11.85 -13.63 -14.33
CA SER A 236 13.00 -12.99 -14.97
C SER A 236 13.39 -13.75 -16.22
N GLY A 237 14.15 -13.09 -17.07
CA GLY A 237 14.74 -13.78 -18.19
C GLY A 237 16.23 -13.70 -18.09
N ILE A 238 16.96 -14.63 -18.70
CA ILE A 238 18.41 -14.47 -18.77
C ILE A 238 18.73 -13.94 -20.15
N PRO A 239 19.06 -12.65 -20.30
CA PRO A 239 19.12 -12.04 -21.63
C PRO A 239 20.25 -12.57 -22.49
N ALA A 240 20.25 -12.11 -23.74
CA ALA A 240 21.03 -12.77 -24.78
C ALA A 240 22.53 -12.67 -24.52
N GLN A 241 23.00 -11.56 -23.94
CA GLN A 241 24.44 -11.42 -23.73
C GLN A 241 24.97 -12.49 -22.79
N TYR A 242 24.13 -12.98 -21.87
CA TYR A 242 24.52 -14.12 -21.05
C TYR A 242 24.73 -15.36 -21.89
N GLN A 243 24.01 -15.47 -23.02
CA GLN A 243 24.15 -16.61 -23.95
C GLN A 243 25.48 -16.61 -24.68
N LYS A 244 26.40 -15.76 -24.22
CA LYS A 244 27.79 -15.76 -24.66
C LYS A 244 28.74 -16.37 -23.63
N PHE A 245 28.37 -16.36 -22.35
CA PHE A 245 29.26 -16.74 -21.26
C PHE A 245 29.26 -18.26 -21.07
N GLN A 246 30.14 -18.72 -20.18
CA GLN A 246 30.41 -20.16 -20.05
C GLN A 246 29.36 -20.88 -19.22
N ASN A 247 29.09 -20.40 -18.01
CA ASN A 247 27.95 -20.85 -17.20
C ASN A 247 27.08 -19.61 -17.00
N PRO A 248 26.25 -19.26 -17.98
CA PRO A 248 25.42 -18.03 -17.87
C PRO A 248 24.63 -17.93 -16.58
N MET A 249 24.09 -19.05 -16.09
CA MET A 249 23.32 -18.98 -14.85
C MET A 249 24.23 -18.68 -13.66
N ALA A 250 25.44 -19.26 -13.63
CA ALA A 250 26.39 -18.90 -12.60
C ALA A 250 26.74 -17.42 -12.68
N MET A 251 26.95 -16.91 -13.90
CA MET A 251 27.21 -15.49 -14.06
C MET A 251 26.04 -14.65 -13.56
N LEU A 252 24.80 -15.12 -13.80
CA LEU A 252 23.64 -14.36 -13.35
C LEU A 252 23.55 -14.34 -11.84
N LYS A 253 23.76 -15.49 -11.19
CA LYS A 253 23.75 -15.53 -9.73
C LYS A 253 24.87 -14.69 -9.14
N ARG A 254 26.03 -14.65 -9.79
CA ARG A 254 27.12 -13.80 -9.31
C ARG A 254 26.74 -12.33 -9.35
N ASN A 255 25.98 -11.91 -10.38
CA ASN A 255 25.67 -10.50 -10.56
C ASN A 255 24.75 -9.96 -9.47
N TYR A 256 23.84 -10.79 -8.95
CA TYR A 256 22.89 -10.34 -7.93
C TYR A 256 23.28 -10.84 -6.53
N GLN A 257 24.45 -11.44 -6.42
CA GLN A 257 25.00 -11.88 -5.15
C GLN A 257 25.08 -10.75 -4.13
N LEU A 258 24.58 -11.00 -2.93
CA LEU A 258 24.65 -10.08 -1.80
C LEU A 258 25.58 -10.62 -0.74
N PRO A 259 26.07 -9.76 0.16
CA PRO A 259 26.74 -10.29 1.36
C PRO A 259 25.75 -11.09 2.19
N SER A 260 26.27 -12.09 2.91
CA SER A 260 25.35 -12.97 3.64
C SER A 260 25.08 -12.49 5.07
N ALA A 261 25.86 -11.54 5.57
CA ALA A 261 25.64 -10.96 6.89
C ALA A 261 25.57 -9.44 6.76
N PRO A 262 24.68 -8.79 7.50
CA PRO A 262 24.48 -7.34 7.30
C PRO A 262 25.71 -6.52 7.69
N LYS A 263 25.88 -5.40 6.99
CA LYS A 263 27.06 -4.57 7.13
C LYS A 263 27.08 -3.73 8.41
N ASN A 264 25.91 -3.43 8.98
CA ASN A 264 25.82 -2.53 10.13
C ASN A 264 25.86 -3.33 11.44
N SER A 265 26.76 -2.93 12.33
CA SER A 265 26.75 -3.44 13.69
C SER A 265 25.68 -2.71 14.49
N GLY A 266 25.08 -3.44 15.46
CA GLY A 266 23.95 -2.93 16.19
C GLY A 266 22.60 -3.23 15.55
N LEU A 267 22.60 -3.81 14.36
CA LEU A 267 21.35 -4.15 13.71
C LEU A 267 20.76 -5.39 14.35
N ARG A 268 19.47 -5.32 14.71
CA ARG A 268 18.77 -6.39 15.41
C ARG A 268 17.28 -6.20 15.14
N GLU A 269 16.50 -7.22 15.47
CA GLU A 269 15.06 -7.15 15.29
C GLU A 269 14.45 -6.08 16.20
N MET A 270 13.46 -5.36 15.68
CA MET A 270 12.74 -4.39 16.51
C MET A 270 12.02 -5.11 17.65
N LYS A 271 12.01 -4.50 18.83
CA LYS A 271 11.28 -5.03 19.96
C LYS A 271 10.35 -3.98 20.53
N PRO A 272 9.34 -4.40 21.33
CA PRO A 272 8.35 -3.42 21.80
C PRO A 272 8.94 -2.21 22.48
N SER A 273 10.05 -2.37 23.21
CA SER A 273 10.62 -1.23 23.90
C SER A 273 11.15 -0.19 22.94
N ASP A 274 11.39 -0.54 21.68
CA ASP A 274 11.87 0.42 20.69
C ASP A 274 10.80 1.38 20.21
N VAL A 275 9.51 1.11 20.50
CA VAL A 275 8.43 1.80 19.80
C VAL A 275 8.53 3.32 19.90
N PRO A 276 8.67 3.93 21.08
CA PRO A 276 8.67 5.40 21.10
C PRO A 276 9.78 6.04 20.26
N GLN A 277 10.97 5.42 20.25
CA GLN A 277 12.07 5.99 19.47
C GLN A 277 11.87 5.80 17.98
N VAL A 278 11.40 4.62 17.56
CA VAL A 278 11.07 4.44 16.14
C VAL A 278 10.02 5.44 15.71
N ARG A 279 8.98 5.64 16.52
CA ARG A 279 8.00 6.68 16.21
C ARG A 279 8.67 8.01 15.93
N ARG A 280 9.64 8.38 16.78
CA ARG A 280 10.28 9.69 16.67
C ARG A 280 11.05 9.85 15.36
N ILE A 281 11.94 8.89 15.04
CA ILE A 281 12.77 9.08 13.84
C ILE A 281 11.94 8.87 12.59
N LEU A 282 10.93 7.99 12.64
CA LEU A 282 10.03 7.86 11.50
C LEU A 282 9.26 9.14 11.25
N MET A 283 8.62 9.67 12.31
CA MET A 283 7.82 10.88 12.13
C MET A 283 8.71 12.02 11.66
N ASN A 284 9.89 12.15 12.24
CA ASN A 284 10.83 13.19 11.79
C ASN A 284 11.09 13.09 10.29
N TYR A 285 11.25 11.86 9.79
CA TYR A 285 11.49 11.67 8.36
C TYR A 285 10.24 11.92 7.54
N LEU A 286 9.12 11.31 7.95
CA LEU A 286 7.91 11.39 7.13
C LEU A 286 7.37 12.82 7.04
N ASP A 287 7.55 13.63 8.08
CA ASP A 287 7.10 15.02 8.04
C ASP A 287 7.78 15.84 6.94
N SER A 288 8.88 15.34 6.37
CA SER A 288 9.53 16.01 5.23
C SER A 288 8.73 15.97 3.93
N PHE A 289 7.71 15.11 3.84
CA PHE A 289 6.99 14.87 2.61
C PHE A 289 5.65 15.59 2.64
N ASP A 290 5.15 15.95 1.46
CA ASP A 290 3.92 16.75 1.39
C ASP A 290 2.71 15.95 1.87
N VAL A 291 2.66 14.67 1.54
CA VAL A 291 1.56 13.80 1.96
C VAL A 291 2.16 12.69 2.81
N GLY A 292 1.69 12.56 4.05
CA GLY A 292 2.24 11.57 4.95
C GLY A 292 1.43 11.31 6.20
N PRO A 293 1.57 10.11 6.75
CA PRO A 293 0.77 9.74 7.93
C PRO A 293 1.34 10.27 9.23
N VAL A 294 0.47 10.34 10.24
CA VAL A 294 0.86 10.61 11.63
C VAL A 294 0.48 9.39 12.47
N PHE A 295 1.47 8.80 13.15
CA PHE A 295 1.32 7.54 13.88
C PHE A 295 1.49 7.78 15.37
N SER A 296 0.58 7.20 16.15
CA SER A 296 0.78 7.14 17.59
C SER A 296 1.74 6.00 17.90
N ASP A 297 2.12 5.88 19.18
CA ASP A 297 2.88 4.71 19.61
C ASP A 297 2.13 3.41 19.33
N ALA A 298 0.81 3.42 19.54
CA ALA A 298 0.04 2.20 19.30
C ALA A 298 0.04 1.84 17.82
N GLU A 299 0.02 2.84 16.92
CA GLU A 299 0.03 2.54 15.49
C GLU A 299 1.40 2.05 15.03
N ILE A 300 2.47 2.64 15.56
CA ILE A 300 3.83 2.14 15.30
C ILE A 300 3.94 0.69 15.74
N SER A 301 3.45 0.39 16.94
CA SER A 301 3.50 -0.96 17.46
C SER A 301 2.76 -1.92 16.54
N HIS A 302 1.53 -1.57 16.15
CA HIS A 302 0.73 -2.46 15.34
C HIS A 302 1.34 -2.66 13.96
N TYR A 303 1.71 -1.56 13.29
CA TYR A 303 2.16 -1.65 11.90
C TYR A 303 3.60 -2.12 11.76
N LEU A 304 4.46 -1.91 12.77
CA LEU A 304 5.87 -2.15 12.59
C LEU A 304 6.46 -3.27 13.44
N LEU A 305 5.86 -3.64 14.57
CA LEU A 305 6.48 -4.69 15.38
C LEU A 305 6.51 -5.99 14.57
N PRO A 306 7.61 -6.74 14.65
CA PRO A 306 7.70 -8.00 13.89
C PRO A 306 6.49 -8.88 14.10
N ARG A 307 6.00 -9.46 13.01
CA ARG A 307 4.79 -10.27 13.02
C ARG A 307 5.06 -11.40 12.04
N ASP A 308 5.34 -12.59 12.56
CA ASP A 308 5.96 -13.61 11.71
C ASP A 308 5.08 -13.94 10.51
N GLY A 309 5.70 -14.03 9.34
CA GLY A 309 4.99 -14.27 8.11
C GLY A 309 4.33 -13.05 7.50
N VAL A 310 4.39 -11.89 8.17
CA VAL A 310 3.69 -10.69 7.74
C VAL A 310 4.62 -9.48 7.68
N VAL A 311 5.12 -9.03 8.84
CA VAL A 311 5.94 -7.82 8.93
C VAL A 311 7.28 -8.15 9.57
N PHE A 312 8.33 -7.55 9.02
CA PHE A 312 9.70 -7.78 9.46
C PHE A 312 10.33 -6.41 9.66
N THR A 313 10.85 -6.16 10.86
CA THR A 313 11.33 -4.84 11.23
C THR A 313 12.58 -4.93 12.08
N TYR A 314 13.60 -4.17 11.68
CA TYR A 314 14.92 -4.20 12.29
C TYR A 314 15.34 -2.80 12.64
N VAL A 315 16.11 -2.65 13.71
CA VAL A 315 16.60 -1.34 14.13
C VAL A 315 18.11 -1.39 14.22
N VAL A 316 18.72 -0.23 14.02
CA VAL A 316 20.11 0.01 14.36
C VAL A 316 20.14 0.69 15.72
N GLU A 317 20.74 0.01 16.68
CA GLU A 317 20.87 0.52 18.04
C GLU A 317 22.31 0.23 18.46
N ASN A 318 23.23 1.08 18.01
CA ASN A 318 24.64 0.94 18.36
C ASN A 318 24.86 1.66 19.67
N VAL A 319 24.56 0.94 20.76
CA VAL A 319 24.64 1.42 22.14
C VAL A 319 23.57 2.46 22.43
N LYS A 320 22.54 2.06 23.18
CA LYS A 320 21.56 2.92 23.84
C LYS A 320 20.45 3.43 22.91
N LYS A 321 20.79 4.14 21.84
CA LYS A 321 19.81 4.86 21.05
C LYS A 321 19.48 4.11 19.78
N VAL A 322 18.20 4.15 19.39
CA VAL A 322 17.76 3.66 18.09
C VAL A 322 17.96 4.79 17.09
N THR A 323 18.87 4.59 16.15
CA THR A 323 19.27 5.62 15.21
C THR A 323 18.78 5.37 13.79
N ASP A 324 18.46 4.12 13.45
CA ASP A 324 17.95 3.78 12.13
C ASP A 324 17.01 2.60 12.26
N PHE A 325 16.20 2.38 11.22
CA PHE A 325 15.37 1.20 11.15
C PHE A 325 14.88 1.00 9.72
N PHE A 326 14.52 -0.23 9.41
CA PHE A 326 13.77 -0.50 8.20
C PHE A 326 12.77 -1.60 8.47
N SER A 327 11.78 -1.67 7.60
CA SER A 327 10.75 -2.68 7.73
C SER A 327 10.40 -3.16 6.33
N PHE A 328 9.96 -4.42 6.23
CA PHE A 328 9.40 -4.93 5.00
C PHE A 328 8.28 -5.90 5.36
N TYR A 329 7.30 -6.04 4.45
CA TYR A 329 6.20 -6.95 4.68
C TYR A 329 6.16 -7.98 3.56
N ARG A 330 5.49 -9.10 3.84
CA ARG A 330 5.51 -10.26 2.97
C ARG A 330 4.16 -10.44 2.29
N ILE A 331 4.17 -10.62 0.98
CA ILE A 331 3.02 -11.13 0.25
C ILE A 331 3.54 -12.22 -0.68
N PRO A 332 3.21 -13.47 -0.44
CA PRO A 332 3.69 -14.54 -1.32
C PRO A 332 2.78 -14.68 -2.52
N SER A 333 3.36 -15.00 -3.67
CA SER A 333 2.58 -15.26 -4.88
C SER A 333 2.59 -16.74 -5.23
N THR A 334 1.41 -17.31 -5.46
CA THR A 334 1.31 -18.63 -6.07
C THR A 334 1.87 -18.57 -7.49
N VAL A 335 2.62 -19.61 -7.86
CA VAL A 335 3.19 -19.72 -9.19
C VAL A 335 2.38 -20.77 -9.93
N ILE A 336 1.77 -20.38 -11.04
CA ILE A 336 0.87 -21.28 -11.78
C ILE A 336 1.68 -22.14 -12.74
N GLY A 337 1.48 -23.46 -12.65
CA GLY A 337 1.92 -24.35 -13.69
C GLY A 337 3.40 -24.62 -13.77
N ASN A 338 4.14 -24.48 -12.67
CA ASN A 338 5.58 -24.74 -12.68
C ASN A 338 5.91 -26.03 -11.96
N SER A 339 6.67 -26.90 -12.64
CA SER A 339 7.01 -28.22 -12.10
C SER A 339 7.81 -28.15 -10.81
N ASN A 340 8.67 -27.15 -10.67
CA ASN A 340 9.61 -27.08 -9.56
C ASN A 340 9.15 -26.17 -8.42
N TYR A 341 8.46 -25.08 -8.72
CA TYR A 341 8.09 -24.09 -7.71
C TYR A 341 6.59 -23.86 -7.69
N ASN A 342 6.05 -23.65 -6.49
CA ASN A 342 4.64 -23.32 -6.31
C ASN A 342 4.41 -21.94 -5.72
N LEU A 343 5.43 -21.27 -5.20
CA LEU A 343 5.22 -20.02 -4.48
C LEU A 343 6.41 -19.08 -4.72
N LEU A 344 6.12 -17.79 -4.76
CA LEU A 344 7.13 -16.76 -4.90
C LEU A 344 7.03 -15.84 -3.69
N ASN A 345 8.11 -15.77 -2.89
CA ASN A 345 8.10 -15.07 -1.61
C ASN A 345 8.67 -13.67 -1.79
N ALA A 346 7.79 -12.67 -1.79
CA ALA A 346 8.14 -11.29 -2.13
C ALA A 346 8.17 -10.45 -0.87
N ALA A 347 9.25 -9.69 -0.70
CA ALA A 347 9.41 -8.72 0.37
C ALA A 347 9.11 -7.33 -0.19
N TYR A 348 8.20 -6.61 0.45
CA TYR A 348 7.82 -5.27 0.01
C TYR A 348 8.42 -4.25 0.97
N VAL A 349 9.19 -3.30 0.45
CA VAL A 349 9.77 -2.26 1.30
C VAL A 349 8.65 -1.49 1.99
N HIS A 350 8.80 -1.29 3.30
CA HIS A 350 7.76 -0.68 4.13
C HIS A 350 8.26 0.69 4.55
N TYR A 351 8.14 1.09 5.80
CA TYR A 351 8.72 2.32 6.29
C TYR A 351 10.18 2.12 6.69
N TYR A 352 10.90 3.23 6.83
CA TYR A 352 12.29 3.20 7.24
C TYR A 352 12.66 4.63 7.60
N ALA A 353 13.83 4.76 8.25
CA ALA A 353 14.41 6.06 8.56
C ALA A 353 15.89 5.83 8.83
N ALA A 354 16.75 6.60 8.17
CA ALA A 354 18.19 6.55 8.37
C ALA A 354 18.66 7.87 8.91
N THR A 355 19.37 7.84 10.05
CA THR A 355 20.03 9.04 10.54
C THR A 355 21.53 8.87 10.77
N SER A 356 22.06 7.65 10.80
CA SER A 356 23.49 7.48 11.04
C SER A 356 24.24 6.81 9.89
N ILE A 357 23.56 6.15 8.96
CA ILE A 357 24.22 5.54 7.81
C ILE A 357 23.53 5.96 6.52
N PRO A 358 24.23 6.01 5.39
CA PRO A 358 23.57 6.33 4.13
C PRO A 358 22.38 5.43 3.89
N LEU A 359 21.38 5.97 3.20
CA LEU A 359 20.15 5.22 2.98
C LEU A 359 20.42 3.94 2.20
N HIS A 360 21.26 4.02 1.16
CA HIS A 360 21.54 2.82 0.37
C HIS A 360 22.19 1.73 1.22
N GLN A 361 22.90 2.13 2.29
CA GLN A 361 23.53 1.14 3.18
C GLN A 361 22.49 0.46 4.05
N LEU A 362 21.53 1.24 4.56
CA LEU A 362 20.44 0.66 5.34
C LEU A 362 19.63 -0.32 4.50
N ILE A 363 19.29 0.07 3.28
CA ILE A 363 18.46 -0.79 2.43
C ILE A 363 19.27 -1.97 1.90
N LEU A 364 20.59 -1.82 1.77
CA LEU A 364 21.41 -2.98 1.46
C LEU A 364 21.24 -4.05 2.54
N ASP A 365 21.20 -3.64 3.81
CA ASP A 365 20.98 -4.57 4.92
C ASP A 365 19.58 -5.18 4.87
N LEU A 366 18.56 -4.39 4.48
CA LEU A 366 17.23 -4.95 4.23
C LEU A 366 17.32 -6.10 3.23
N LEU A 367 17.99 -5.88 2.11
CA LEU A 367 18.11 -6.92 1.10
C LEU A 367 18.80 -8.15 1.67
N ILE A 368 19.86 -7.93 2.47
CA ILE A 368 20.61 -9.04 3.05
C ILE A 368 19.74 -9.82 4.01
N VAL A 369 19.05 -9.12 4.91
CA VAL A 369 18.16 -9.76 5.86
C VAL A 369 17.02 -10.48 5.13
N ALA A 370 16.37 -9.80 4.16
CA ALA A 370 15.28 -10.43 3.41
C ALA A 370 15.76 -11.70 2.72
N HIS A 371 16.93 -11.64 2.09
CA HIS A 371 17.48 -12.83 1.46
C HIS A 371 17.74 -13.93 2.48
N SER A 372 18.38 -13.58 3.60
CA SER A 372 18.66 -14.56 4.64
C SER A 372 17.39 -15.19 5.21
N ARG A 373 16.22 -14.56 5.01
CA ARG A 373 14.95 -15.11 5.48
C ARG A 373 14.19 -15.81 4.38
N GLY A 374 14.85 -16.12 3.27
CA GLY A 374 14.24 -16.92 2.22
C GLY A 374 13.42 -16.16 1.21
N PHE A 375 13.44 -14.82 1.21
CA PHE A 375 12.69 -14.07 0.22
C PHE A 375 13.38 -14.14 -1.14
N ASP A 376 12.59 -14.20 -2.21
CA ASP A 376 13.10 -14.40 -3.56
C ASP A 376 13.26 -13.12 -4.35
N VAL A 377 12.45 -12.11 -4.02
CA VAL A 377 12.47 -10.82 -4.69
C VAL A 377 12.11 -9.77 -3.67
N CYS A 378 12.67 -8.57 -3.83
CA CYS A 378 12.27 -7.42 -3.02
C CYS A 378 11.61 -6.39 -3.93
N ASN A 379 10.37 -6.00 -3.58
CA ASN A 379 9.58 -5.09 -4.39
C ASN A 379 9.35 -3.76 -3.68
N MET A 380 9.06 -2.73 -4.47
CA MET A 380 8.73 -1.43 -3.90
C MET A 380 8.18 -0.54 -5.02
N VAL A 381 7.51 0.54 -4.61
CA VAL A 381 7.09 1.64 -5.47
C VAL A 381 7.97 2.85 -5.14
N GLU A 382 8.22 3.71 -6.14
CA GLU A 382 9.18 4.80 -6.02
C GLU A 382 8.67 5.95 -5.15
N ILE A 383 8.00 5.68 -4.03
CA ILE A 383 7.66 6.73 -3.07
C ILE A 383 8.83 6.92 -2.12
N LEU A 384 8.63 7.79 -1.12
CA LEU A 384 9.66 8.10 -0.14
C LEU A 384 10.94 8.50 -0.87
N ASP A 385 12.08 7.98 -0.43
CA ASP A 385 13.32 8.18 -1.16
C ASP A 385 13.74 6.91 -1.89
N ASN A 386 12.77 6.06 -2.25
CA ASN A 386 13.11 4.73 -2.78
C ASN A 386 13.84 4.84 -4.10
N ARG A 387 13.52 5.86 -4.88
CA ARG A 387 14.15 6.05 -6.18
C ARG A 387 15.67 6.26 -6.04
N SER A 388 16.12 6.80 -4.91
CA SER A 388 17.53 7.20 -4.78
C SER A 388 18.49 6.03 -4.75
N PHE A 389 18.04 4.82 -4.40
CA PHE A 389 18.97 3.68 -4.34
C PHE A 389 18.70 2.61 -5.40
N VAL A 390 17.82 2.90 -6.37
CA VAL A 390 17.45 1.91 -7.40
C VAL A 390 18.68 1.38 -8.12
N GLU A 391 19.54 2.27 -8.59
CA GLU A 391 20.61 1.82 -9.48
C GLU A 391 21.75 1.15 -8.71
N GLN A 392 22.17 1.72 -7.57
CA GLN A 392 23.30 1.12 -6.87
C GLN A 392 22.92 -0.21 -6.22
N LEU A 393 21.65 -0.40 -5.85
CA LEU A 393 21.23 -1.68 -5.30
C LEU A 393 20.63 -2.62 -6.36
N LYS A 394 20.74 -2.26 -7.64
CA LYS A 394 20.33 -3.11 -8.77
C LYS A 394 18.84 -3.49 -8.71
N PHE A 395 17.98 -2.51 -8.43
CA PHE A 395 16.56 -2.67 -8.68
C PHE A 395 16.29 -2.42 -10.16
N GLY A 396 15.35 -3.17 -10.74
CA GLY A 396 14.85 -2.88 -12.07
C GLY A 396 13.37 -2.51 -11.99
N PRO A 397 12.92 -1.57 -12.83
CA PRO A 397 11.48 -1.26 -12.90
C PRO A 397 10.65 -2.38 -13.49
N GLY A 398 9.46 -2.54 -12.91
CA GLY A 398 8.49 -3.49 -13.42
C GLY A 398 7.49 -2.82 -14.33
N ASP A 399 6.43 -3.55 -14.64
CA ASP A 399 5.39 -3.07 -15.54
C ASP A 399 4.22 -2.43 -14.82
N GLY A 400 4.16 -2.54 -13.50
CA GLY A 400 3.07 -1.95 -12.78
C GLY A 400 3.31 -0.49 -12.43
N HIS A 401 2.21 0.22 -12.22
CA HIS A 401 2.22 1.53 -11.58
C HIS A 401 1.22 1.53 -10.45
N LEU A 402 1.59 2.15 -9.33
CA LEU A 402 0.65 2.37 -8.25
C LEU A 402 0.17 3.80 -8.33
N ARG A 403 -1.13 3.98 -8.52
CA ARG A 403 -1.75 5.30 -8.62
C ARG A 403 -2.41 5.64 -7.30
N TYR A 404 -2.18 6.86 -6.81
CA TYR A 404 -2.67 7.34 -5.52
C TYR A 404 -3.81 8.32 -5.76
N TYR A 405 -4.91 8.14 -5.03
CA TYR A 405 -6.11 8.98 -5.18
C TYR A 405 -6.60 9.45 -3.84
N PHE A 406 -7.23 10.64 -3.85
CA PHE A 406 -8.08 11.13 -2.77
C PHE A 406 -9.54 11.12 -3.21
N TYR A 407 -10.42 10.83 -2.26
CA TYR A 407 -11.86 11.00 -2.44
C TYR A 407 -12.30 12.28 -1.74
N ASN A 408 -13.02 13.14 -2.45
CA ASN A 408 -13.54 14.41 -1.91
C ASN A 408 -12.42 15.31 -1.42
N TRP A 409 -11.33 15.41 -2.19
CA TRP A 409 -10.22 16.27 -1.81
C TRP A 409 -9.54 16.79 -3.08
N ALA A 410 -9.72 18.07 -3.37
CA ALA A 410 -8.95 18.71 -4.43
C ALA A 410 -7.48 18.75 -4.04
N TYR A 411 -6.62 18.23 -4.90
CA TYR A 411 -5.21 18.13 -4.57
C TYR A 411 -4.34 18.31 -5.81
N PRO A 412 -3.30 19.15 -5.75
CA PRO A 412 -2.42 19.30 -6.92
C PRO A 412 -1.75 17.99 -7.30
N LYS A 413 -1.37 17.89 -8.57
CA LYS A 413 -0.52 16.81 -9.06
C LYS A 413 0.86 16.88 -8.41
N ILE A 414 1.29 15.78 -7.80
CA ILE A 414 2.62 15.74 -7.19
C ILE A 414 3.37 14.49 -7.66
N LYS A 415 4.69 14.50 -7.42
CA LYS A 415 5.55 13.38 -7.71
C LYS A 415 5.39 12.31 -6.63
N PRO A 416 5.61 11.04 -6.97
CA PRO A 416 5.53 10.01 -5.93
C PRO A 416 6.61 10.18 -4.87
N SER A 417 7.74 10.81 -5.20
CA SER A 417 8.75 11.12 -4.19
C SER A 417 8.26 12.18 -3.18
N GLN A 418 7.07 12.72 -3.37
CA GLN A 418 6.45 13.63 -2.40
C GLN A 418 5.46 12.92 -1.50
N VAL A 419 5.37 11.60 -1.58
CA VAL A 419 4.36 10.80 -0.88
C VAL A 419 5.07 9.88 0.11
N ALA A 420 4.64 9.94 1.37
CA ALA A 420 5.25 9.16 2.44
C ALA A 420 4.30 8.12 3.04
N LEU A 421 3.12 7.94 2.45
CA LEU A 421 2.13 6.98 2.94
C LEU A 421 2.30 5.68 2.17
N VAL A 422 2.68 4.63 2.88
CA VAL A 422 2.80 3.30 2.29
C VAL A 422 1.42 2.67 2.28
N MET A 423 0.95 2.31 1.10
CA MET A 423 -0.38 1.74 1.00
C MET A 423 -0.37 0.46 0.19
N LEU A 424 -1.11 -0.54 0.65
CA LEU A 424 -1.37 -1.76 -0.11
C LEU A 424 -2.27 -1.49 -1.32
S1 MYA B . -7.81 -1.51 -5.50
C2 MYA B . -8.17 -3.26 -5.82
C3 MYA B . -9.46 -3.54 -6.56
N4 MYA B . -9.90 -4.93 -6.45
C5 MYA B . -9.53 -5.90 -7.30
O5 MYA B . -8.83 -5.66 -8.29
C6 MYA B . -10.04 -7.30 -7.04
C7 MYA B . -10.53 -7.98 -8.31
N8 MYA B . -11.55 -7.20 -9.01
C9 MYA B . -12.80 -7.09 -8.56
O9 MYA B . -13.17 -7.61 -7.53
C10 MYA B . -13.79 -6.29 -9.42
O10 MYA B . -13.36 -6.28 -10.77
C11 MYA B . -14.04 -4.87 -8.91
C12 MYA B . -14.94 -4.06 -9.85
C13 MYA B . -12.68 -4.16 -8.77
C14 MYA B . -14.70 -4.93 -7.52
N1A MYA B . -11.46 1.01 -7.82
O1A MYA B . -19.28 -3.73 -10.34
P1A MYA B . -18.79 -3.27 -11.67
C1X MYA B . -15.16 0.94 -11.39
C2A MYA B . -12.51 1.80 -8.02
O2A MYA B . -19.68 -3.45 -12.85
P2A MYA B . -16.74 -5.26 -11.37
C2M MYA B . -8.82 -1.21 -4.10
O2M MYA B . -9.21 -2.10 -3.38
C2X MYA B . -15.17 1.06 -12.92
O2X MYA B . -14.37 2.13 -13.38
N3A MYA B . -13.45 1.72 -8.97
O3A MYA B . -17.36 -3.93 -11.98
C3M MYA B . -9.14 0.25 -3.89
C3X MYA B . -16.67 1.27 -13.15
O3X MYA B . -16.98 2.61 -12.79
P3X MYA B . -17.21 3.54 -14.09
C4A MYA B . -13.22 0.69 -9.79
O4A MYA B . -15.55 -5.63 -12.20
C4M MYA B . -10.54 0.59 -4.33
C4X MYA B . -17.28 0.32 -12.11
O4X MYA B . -16.27 0.14 -11.09
C5A MYA B . -12.17 -0.20 -9.72
O5A MYA B . -17.86 -6.23 -11.14
C5M MYA B . -10.93 2.04 -4.07
C5X MYA B . -17.70 -1.03 -12.63
O5X MYA B . -18.35 -1.74 -11.54
C6A MYA B . -11.24 -0.03 -8.66
N6A MYA B . -10.16 -0.80 -8.47
O6A MYA B . -16.22 -4.75 -9.94
C6M MYA B . -12.37 2.32 -4.44
N7A MYA B . -12.24 -1.13 -10.74
O7A MYA B . -15.97 3.41 -14.94
C7M MYA B . -12.80 3.76 -4.28
C8A MYA B . -13.32 -0.80 -11.40
O8A MYA B . -18.45 2.99 -14.77
C8M MYA B . -13.06 4.19 -2.85
N9A MYA B . -13.95 0.30 -10.88
O9A MYA B . -17.40 4.96 -13.58
C9M MYA B . -13.50 5.66 -2.76
CAM MYA B . -13.67 6.17 -1.34
CBM MYA B . -14.87 5.60 -0.61
CCM MYA B . -15.05 6.11 0.81
CDM MYA B . -15.20 7.62 0.92
CEM MYA B . -15.30 8.11 2.35
CFM MYA B . -15.39 9.62 2.49
ZN ZN C . 5.36 -12.43 -21.47
C1 EDO D . -19.84 -16.41 5.97
O1 EDO D . -19.62 -17.06 7.22
C2 EDO D . -20.52 -15.07 6.21
O2 EDO D . -21.88 -15.28 6.65
C1 EDO E . -0.16 2.90 7.46
O1 EDO E . 0.91 2.70 6.51
C2 EDO E . -1.49 2.49 6.82
O2 EDO E . -1.47 2.86 5.44
C1 EDO F . -0.64 10.21 -13.96
O1 EDO F . -0.15 10.32 -12.61
C2 EDO F . -1.74 9.16 -13.99
O2 EDO F . -1.21 7.92 -13.51
#